data_7LAI
#
_entry.id   7LAI
#
_cell.length_a   55.550
_cell.length_b   81.730
_cell.length_c   48.510
_cell.angle_alpha   90.000
_cell.angle_beta   138.480
_cell.angle_gamma   90.000
#
_symmetry.space_group_name_H-M   'C 1 2 1'
#
loop_
_entity.id
_entity.type
_entity.pdbx_description
1 polymer 'Bromodomain-containing protein 2'
2 non-polymer 4-{[(7R)-8-cyclopentyl-7-ethyl-5-methyl-6-oxo-5,6,7,8-tetrahydropteridin-2-yl]amino}-3-methoxy-N-(1-methylpiperidin-4-yl)benzamide
3 water water
#
_entity_poly.entity_id   1
_entity_poly.type   'polypeptide(L)'
_entity_poly.pdbx_seq_one_letter_code
;GRVTNQLQYLHKVVMKALWKHQFAWPFRQPVDAVKLGLPDYHKIIKQPMDMGTIKRRLENNYYWAASECMQDFNTMFTNC
YIYNKPTDDIVLMAQTLEKIFLQKVASMPQEEQELVVTIPKN
;
_entity_poly.pdbx_strand_id   A
#
# COMPACT_ATOMS: atom_id res chain seq x y z
N GLY A 1 -0.05 -17.33 -1.39
CA GLY A 1 -1.25 -16.64 -1.81
C GLY A 1 -1.65 -17.06 -3.20
N ARG A 2 -2.33 -16.18 -3.93
CA ARG A 2 -2.78 -16.50 -5.28
C ARG A 2 -2.77 -15.22 -6.10
N VAL A 3 -3.07 -15.36 -7.40
CA VAL A 3 -3.17 -14.23 -8.32
C VAL A 3 -4.64 -14.08 -8.69
N THR A 4 -5.20 -12.90 -8.47
CA THR A 4 -6.58 -12.65 -8.89
C THR A 4 -6.65 -11.41 -9.79
N ASN A 5 -7.79 -11.25 -10.47
CA ASN A 5 -7.94 -10.08 -11.33
C ASN A 5 -7.77 -8.79 -10.52
N GLN A 6 -8.29 -8.79 -9.29
CA GLN A 6 -8.21 -7.60 -8.44
C GLN A 6 -6.79 -7.36 -7.93
N LEU A 7 -6.07 -8.43 -7.54
CA LEU A 7 -4.69 -8.26 -7.11
C LEU A 7 -3.79 -7.82 -8.27
N GLN A 8 -3.96 -8.41 -9.44
CA GLN A 8 -3.23 -7.96 -10.63
C GLN A 8 -3.49 -6.50 -10.92
N TYR A 9 -4.74 -6.05 -10.74
CA TYR A 9 -5.07 -4.63 -10.91
C TYR A 9 -4.37 -3.77 -9.86
N LEU A 10 -4.37 -4.20 -8.59
CA LEU A 10 -3.66 -3.46 -7.56
C LEU A 10 -2.18 -3.36 -7.87
N HIS A 11 -1.61 -4.39 -8.50
CA HIS A 11 -0.17 -4.44 -8.78
C HIS A 11 0.17 -3.60 -10.01
N LYS A 12 -0.55 -3.80 -11.10
CA LYS A 12 -0.17 -3.28 -12.40
C LYS A 12 -0.84 -1.96 -12.73
N VAL A 13 -1.86 -1.55 -11.98
CA VAL A 13 -2.47 -0.25 -12.19
C VAL A 13 -2.24 0.64 -10.97
N VAL A 14 -2.68 0.19 -9.78
CA VAL A 14 -2.66 1.05 -8.60
C VAL A 14 -1.23 1.25 -8.10
N MET A 15 -0.49 0.15 -7.90
CA MET A 15 0.88 0.31 -7.42
C MET A 15 1.74 1.02 -8.45
N LYS A 16 1.51 0.76 -9.74
CA LYS A 16 2.29 1.44 -10.76
C LYS A 16 2.12 2.96 -10.66
N ALA A 17 0.89 3.43 -10.47
CA ALA A 17 0.67 4.87 -10.35
C ALA A 17 1.28 5.43 -9.08
N LEU A 18 1.08 4.75 -7.94
CA LEU A 18 1.55 5.31 -6.67
C LEU A 18 3.07 5.30 -6.58
N TRP A 19 3.70 4.20 -7.00
CA TRP A 19 5.13 4.04 -6.84
C TRP A 19 5.93 5.11 -7.58
N LYS A 20 5.43 5.58 -8.71
CA LYS A 20 6.12 6.57 -9.53
C LYS A 20 5.74 8.00 -9.17
N HIS A 21 4.81 8.20 -8.25
CA HIS A 21 4.36 9.53 -7.90
C HIS A 21 5.47 10.33 -7.25
N GLN A 22 5.41 11.66 -7.46
CA GLN A 22 6.33 12.60 -6.83
C GLN A 22 6.44 12.40 -5.32
N PHE A 23 5.33 12.03 -4.68
CA PHE A 23 5.23 11.94 -3.23
C PHE A 23 5.52 10.55 -2.69
N ALA A 24 5.88 9.61 -3.55
CA ALA A 24 6.03 8.21 -3.12
C ALA A 24 7.26 8.00 -2.24
N TRP A 25 8.33 8.79 -2.42
CA TRP A 25 9.62 8.38 -1.88
C TRP A 25 9.66 8.17 -0.36
N PRO A 26 8.92 8.89 0.51
CA PRO A 26 8.96 8.53 1.94
C PRO A 26 8.34 7.18 2.24
N PHE A 27 7.62 6.60 1.29
CA PHE A 27 6.82 5.40 1.50
C PHE A 27 7.32 4.20 0.71
N ARG A 28 8.44 4.32 0.00
CA ARG A 28 8.94 3.23 -0.84
C ARG A 28 9.74 2.21 -0.06
N GLN A 29 9.99 2.43 1.22
CA GLN A 29 10.81 1.54 2.02
C GLN A 29 10.33 1.64 3.45
N PRO A 30 10.61 0.64 4.29
CA PRO A 30 10.20 0.75 5.68
C PRO A 30 10.84 1.95 6.35
N VAL A 31 10.14 2.48 7.35
CA VAL A 31 10.72 3.51 8.20
C VAL A 31 11.91 2.91 8.95
N ASP A 32 13.05 3.59 8.87
CA ASP A 32 14.23 3.21 9.65
C ASP A 32 14.30 4.17 10.82
N ALA A 33 13.62 3.82 11.91
CA ALA A 33 13.51 4.69 13.08
C ALA A 33 14.84 4.82 13.81
N VAL A 34 15.73 3.84 13.66
CA VAL A 34 17.05 3.94 14.25
C VAL A 34 17.85 5.05 13.57
N LYS A 35 17.95 5.00 12.24
CA LYS A 35 18.67 6.05 11.53
C LYS A 35 18.01 7.41 11.69
N LEU A 36 16.69 7.45 11.89
CA LEU A 36 16.02 8.73 12.00
C LEU A 36 16.05 9.30 13.41
N GLY A 37 16.57 8.55 14.37
CA GLY A 37 16.58 8.98 15.76
C GLY A 37 15.22 9.11 16.39
N LEU A 38 14.27 8.24 16.02
CA LEU A 38 12.90 8.27 16.53
C LEU A 38 12.62 7.02 17.35
N PRO A 39 13.09 6.96 18.60
CA PRO A 39 12.86 5.76 19.41
C PRO A 39 11.38 5.50 19.73
N ASP A 40 10.50 6.47 19.53
CA ASP A 40 9.09 6.25 19.83
C ASP A 40 8.30 5.74 18.63
N TYR A 41 8.90 5.66 17.44
CA TYR A 41 8.13 5.27 16.27
C TYR A 41 7.51 3.89 16.44
N HIS A 42 8.30 2.92 16.87
CA HIS A 42 7.75 1.57 16.99
C HIS A 42 6.98 1.34 18.29
N LYS A 43 7.05 2.26 19.25
CA LYS A 43 6.14 2.20 20.37
C LYS A 43 4.73 2.64 19.95
N ILE A 44 4.64 3.62 19.06
CA ILE A 44 3.35 4.16 18.63
C ILE A 44 2.76 3.36 17.46
N ILE A 45 3.58 3.00 16.48
CA ILE A 45 3.14 2.31 15.27
C ILE A 45 3.42 0.82 15.47
N LYS A 46 2.36 0.05 15.71
CA LYS A 46 2.51 -1.37 16.00
C LYS A 46 2.59 -2.22 14.73
N GLN A 47 2.09 -1.75 13.60
CA GLN A 47 2.14 -2.49 12.35
C GLN A 47 2.72 -1.61 11.27
N PRO A 48 4.05 -1.52 11.20
CA PRO A 48 4.67 -0.75 10.12
C PRO A 48 4.31 -1.34 8.75
N MET A 49 4.24 -0.47 7.75
CA MET A 49 3.93 -0.91 6.40
C MET A 49 4.43 0.14 5.41
N ASP A 50 4.81 -0.31 4.22
CA ASP A 50 5.38 0.56 3.20
C ASP A 50 5.13 -0.05 1.83
N MET A 51 5.29 0.76 0.79
CA MET A 51 5.01 0.31 -0.58
C MET A 51 6.06 -0.67 -1.09
N GLY A 52 7.29 -0.56 -0.64
CA GLY A 52 8.28 -1.56 -1.00
C GLY A 52 7.87 -2.93 -0.53
N THR A 53 7.41 -3.01 0.71
CA THR A 53 6.92 -4.27 1.26
C THR A 53 5.70 -4.78 0.48
N ILE A 54 4.73 -3.90 0.23
CA ILE A 54 3.54 -4.30 -0.54
C ILE A 54 3.93 -4.77 -1.92
N LYS A 55 4.83 -4.04 -2.59
CA LYS A 55 5.23 -4.41 -3.95
C LYS A 55 5.87 -5.80 -3.97
N ARG A 56 6.75 -6.07 -3.00
CA ARG A 56 7.38 -7.39 -2.91
C ARG A 56 6.34 -8.47 -2.66
N ARG A 57 5.38 -8.19 -1.79
CA ARG A 57 4.31 -9.16 -1.52
C ARG A 57 3.51 -9.45 -2.77
N LEU A 58 3.17 -8.42 -3.54
CA LEU A 58 2.46 -8.64 -4.79
C LEU A 58 3.31 -9.46 -5.74
N GLU A 59 4.61 -9.12 -5.85
CA GLU A 59 5.51 -9.84 -6.75
C GLU A 59 5.59 -11.31 -6.37
N ASN A 60 5.56 -11.63 -5.08
CA ASN A 60 5.68 -13.00 -4.61
C ASN A 60 4.34 -13.68 -4.35
N ASN A 61 3.24 -13.10 -4.82
CA ASN A 61 1.89 -13.67 -4.63
C ASN A 61 1.61 -13.99 -3.17
N TYR A 62 1.89 -13.02 -2.31
CA TYR A 62 1.68 -13.20 -0.88
C TYR A 62 0.21 -13.14 -0.50
N TYR A 63 -0.58 -12.31 -1.19
CA TYR A 63 -1.97 -12.09 -0.80
C TYR A 63 -2.88 -13.18 -1.33
N TRP A 64 -3.96 -13.46 -0.59
CA TRP A 64 -5.02 -14.31 -1.10
C TRP A 64 -6.19 -13.50 -1.64
N ALA A 65 -6.30 -12.23 -1.27
CA ALA A 65 -7.44 -11.42 -1.68
C ALA A 65 -7.03 -9.97 -1.75
N ALA A 66 -7.53 -9.26 -2.77
CA ALA A 66 -7.24 -7.84 -2.92
C ALA A 66 -7.49 -7.04 -1.65
N SER A 67 -8.51 -7.44 -0.87
CA SER A 67 -8.80 -6.70 0.37
C SER A 67 -7.64 -6.75 1.35
N GLU A 68 -6.88 -7.85 1.42
CA GLU A 68 -5.70 -7.85 2.29
C GLU A 68 -4.68 -6.83 1.82
N CYS A 69 -4.48 -6.74 0.51
CA CYS A 69 -3.53 -5.78 -0.04
C CYS A 69 -4.00 -4.35 0.20
N MET A 70 -5.28 -4.08 -0.03
CA MET A 70 -5.84 -2.77 0.27
CA MET A 70 -5.79 -2.75 0.26
C MET A 70 -5.63 -2.42 1.74
N GLN A 71 -5.75 -3.42 2.61
CA GLN A 71 -5.55 -3.15 4.04
C GLN A 71 -4.10 -2.79 4.35
N ASP A 72 -3.13 -3.35 3.62
CA ASP A 72 -1.74 -2.92 3.78
C ASP A 72 -1.55 -1.49 3.32
N PHE A 73 -2.12 -1.13 2.16
CA PHE A 73 -2.09 0.27 1.74
C PHE A 73 -2.70 1.17 2.81
N ASN A 74 -3.87 0.78 3.32
CA ASN A 74 -4.54 1.59 4.33
C ASN A 74 -3.71 1.72 5.58
N THR A 75 -3.11 0.62 6.06
CA THR A 75 -2.26 0.67 7.23
C THR A 75 -1.10 1.62 7.01
N MET A 76 -0.52 1.62 5.81
CA MET A 76 0.60 2.54 5.52
C MET A 76 0.18 3.98 5.72
N PHE A 77 -0.93 4.39 5.11
CA PHE A 77 -1.39 5.77 5.24
C PHE A 77 -1.78 6.09 6.68
N THR A 78 -2.48 5.17 7.33
CA THR A 78 -2.96 5.42 8.67
C THR A 78 -1.79 5.64 9.62
N ASN A 79 -0.74 4.81 9.52
CA ASN A 79 0.46 5.01 10.34
C ASN A 79 0.98 6.44 10.20
N CYS A 80 1.00 6.95 8.97
CA CYS A 80 1.46 8.32 8.73
C CYS A 80 0.59 9.32 9.48
N TYR A 81 -0.74 9.20 9.38
CA TYR A 81 -1.62 10.15 10.03
C TYR A 81 -1.54 10.06 11.53
N ILE A 82 -1.29 8.87 12.05
CA ILE A 82 -1.28 8.71 13.50
C ILE A 82 0.00 9.29 14.08
N TYR A 83 1.14 9.05 13.44
CA TYR A 83 2.42 9.41 14.05
C TYR A 83 2.79 10.88 13.88
N ASN A 84 2.49 11.47 12.73
CA ASN A 84 3.01 12.80 12.42
C ASN A 84 2.06 13.90 12.90
N LYS A 85 2.56 15.13 12.86
CA LYS A 85 1.78 16.28 13.27
C LYS A 85 0.77 16.65 12.18
N PRO A 86 -0.40 17.17 12.56
CA PRO A 86 -1.44 17.45 11.56
C PRO A 86 -1.00 18.41 10.45
N THR A 87 -0.06 19.31 10.70
CA THR A 87 0.36 20.30 9.73
C THR A 87 1.58 19.87 8.91
N ASP A 88 2.16 18.71 9.20
CA ASP A 88 3.33 18.23 8.45
C ASP A 88 2.99 18.04 6.98
N ASP A 89 3.94 18.37 6.11
CA ASP A 89 3.72 18.18 4.67
C ASP A 89 3.54 16.70 4.32
N ILE A 90 4.22 15.80 5.04
CA ILE A 90 4.10 14.37 4.75
C ILE A 90 2.67 13.90 4.91
N VAL A 91 1.89 14.56 5.78
CA VAL A 91 0.48 14.22 5.91
C VAL A 91 -0.28 14.59 4.65
N LEU A 92 0.01 15.78 4.09
CA LEU A 92 -0.64 16.14 2.84
C LEU A 92 -0.16 15.23 1.70
N MET A 93 1.09 14.75 1.78
CA MET A 93 1.58 13.83 0.76
C MET A 93 0.85 12.50 0.84
N ALA A 94 0.67 11.98 2.06
CA ALA A 94 -0.13 10.77 2.24
C ALA A 94 -1.55 10.99 1.76
N GLN A 95 -2.15 12.14 2.08
CA GLN A 95 -3.53 12.38 1.66
C GLN A 95 -3.63 12.47 0.15
N THR A 96 -2.59 12.97 -0.51
CA THR A 96 -2.58 13.00 -1.97
C THR A 96 -2.51 11.60 -2.55
N LEU A 97 -1.57 10.79 -2.04
CA LEU A 97 -1.44 9.42 -2.51
C LEU A 97 -2.68 8.59 -2.20
N GLU A 98 -3.27 8.81 -1.03
CA GLU A 98 -4.43 8.02 -0.66
C GLU A 98 -5.61 8.34 -1.55
N LYS A 99 -5.75 9.60 -2.01
CA LYS A 99 -6.86 9.95 -2.87
C LYS A 99 -6.72 9.27 -4.23
N ILE A 100 -5.50 9.20 -4.74
CA ILE A 100 -5.25 8.47 -5.98
C ILE A 100 -5.53 6.99 -5.78
N PHE A 101 -5.07 6.43 -4.66
CA PHE A 101 -5.39 5.05 -4.30
C PHE A 101 -6.90 4.82 -4.41
N LEU A 102 -7.70 5.71 -3.81
CA LEU A 102 -9.14 5.50 -3.79
C LEU A 102 -9.73 5.64 -5.20
N GLN A 103 -9.27 6.65 -5.95
CA GLN A 103 -9.77 6.85 -7.30
C GLN A 103 -9.44 5.67 -8.19
N LYS A 104 -8.21 5.16 -8.11
CA LYS A 104 -7.85 3.97 -8.87
C LYS A 104 -8.63 2.76 -8.39
N VAL A 105 -8.76 2.58 -7.07
CA VAL A 105 -9.50 1.44 -6.55
C VAL A 105 -10.94 1.43 -7.06
N ALA A 106 -11.50 2.62 -7.33
CA ALA A 106 -12.90 2.66 -7.78
C ALA A 106 -13.11 1.98 -9.11
N SER A 107 -12.07 1.83 -9.93
N SER A 107 -12.05 1.84 -9.92
CA SER A 107 -12.20 1.20 -11.23
CA SER A 107 -12.13 1.21 -11.23
C SER A 107 -11.67 -0.24 -11.24
C SER A 107 -11.56 -0.20 -11.25
N MET A 108 -11.38 -0.80 -10.07
CA MET A 108 -10.95 -2.19 -9.99
C MET A 108 -12.09 -3.13 -10.43
N PRO A 109 -11.74 -4.28 -11.01
CA PRO A 109 -12.76 -5.29 -11.34
C PRO A 109 -13.64 -5.60 -10.14
N GLN A 110 -14.93 -5.81 -10.41
CA GLN A 110 -15.93 -5.91 -9.35
C GLN A 110 -15.89 -7.27 -8.65
N GLU A 111 -15.73 -8.34 -9.40
CA GLU A 111 -15.82 -9.70 -8.88
C GLU A 111 -14.43 -10.31 -8.83
N GLU A 112 -13.98 -10.72 -7.66
CA GLU A 112 -12.61 -11.24 -7.55
C GLU A 112 -12.59 -12.67 -8.09
N GLN A 113 -11.70 -12.91 -9.05
CA GLN A 113 -11.55 -14.21 -9.67
C GLN A 113 -10.08 -14.56 -9.74
N GLU A 114 -9.73 -15.77 -9.31
CA GLU A 114 -8.36 -16.22 -9.48
C GLU A 114 -8.00 -16.28 -10.96
N LEU A 115 -6.85 -15.72 -11.32
CA LEU A 115 -6.38 -15.72 -12.71
C LEU A 115 -5.76 -17.09 -13.00
N VAL A 116 -6.62 -18.08 -13.16
CA VAL A 116 -6.16 -19.45 -13.34
C VAL A 116 -7.11 -20.15 -14.30
N VAL A 117 -6.52 -20.99 -15.15
CA VAL A 117 -7.26 -21.76 -16.13
C VAL A 117 -6.66 -23.16 -16.08
N THR A 118 -7.43 -24.11 -15.57
CA THR A 118 -6.90 -25.42 -15.21
C THR A 118 -7.53 -26.52 -16.04
N ILE A 119 -6.76 -27.58 -16.25
CA ILE A 119 -7.22 -28.77 -16.96
C ILE A 119 -7.85 -29.71 -15.93
N PRO A 120 -9.19 -29.88 -15.94
CA PRO A 120 -9.99 -30.62 -14.95
C PRO A 120 -9.40 -31.98 -14.59
#